data_1OUX
#
_entry.id   1OUX
#
_cell.length_a   49.19
_cell.length_b   72.90
_cell.length_c   100.18
_cell.angle_alpha   90.0
_cell.angle_beta   90.0
_cell.angle_gamma   90.0
#
_symmetry.space_group_name_H-M   'P 21 21 21'
#
loop_
_entity.id
_entity.type
_entity.pdbx_description
1 polymer 'hypothetical protein LecB'
2 non-polymer 'CALCIUM ION'
3 non-polymer 'SULFATE ION'
4 water water
#
_entity_poly.entity_id   1
_entity_poly.type   'polypeptide(L)'
_entity_poly.pdbx_seq_one_letter_code
;ATQGVFTLPANTRFGVTAFANSSGTQTVNVLVNNETAATFSGQSTNNAVIGTQVLNSGSSGKVQVQVSVNGRPSDLVSAQ
VILTNELNFALVGSEDGTDNDYNDAVVVINWPLG
;
_entity_poly.pdbx_strand_id   A,B,C,D
#
loop_
_chem_comp.id
_chem_comp.type
_chem_comp.name
_chem_comp.formula
CA non-polymer 'CALCIUM ION' 'Ca 2'
SO4 non-polymer 'SULFATE ION' 'O4 S -2'
#
# COMPACT_ATOMS: atom_id res chain seq x y z
N ALA A 1 -9.03 -6.25 13.70
CA ALA A 1 -7.80 -7.08 13.61
C ALA A 1 -6.63 -6.38 14.24
N THR A 2 -5.58 -7.16 14.55
CA THR A 2 -4.38 -6.63 15.17
C THR A 2 -3.73 -5.60 14.26
N GLN A 3 -3.22 -4.53 14.86
CA GLN A 3 -2.58 -3.45 14.11
C GLN A 3 -1.32 -2.97 14.82
N GLY A 4 -0.40 -2.38 14.06
CA GLY A 4 0.81 -1.87 14.66
C GLY A 4 1.90 -2.90 14.94
N VAL A 5 1.70 -4.12 14.47
CA VAL A 5 2.69 -5.17 14.65
C VAL A 5 3.26 -5.53 13.28
N PHE A 6 4.58 -5.51 13.17
CA PHE A 6 5.25 -5.79 11.90
C PHE A 6 6.37 -6.80 12.07
N THR A 7 6.47 -7.74 11.13
CA THR A 7 7.55 -8.72 11.17
C THR A 7 8.64 -8.28 10.21
N LEU A 8 9.71 -7.69 10.74
CA LEU A 8 10.81 -7.25 9.91
C LEU A 8 11.86 -8.34 9.84
N PRO A 9 12.85 -8.20 8.96
CA PRO A 9 13.88 -9.24 8.92
C PRO A 9 14.52 -9.18 10.29
N ALA A 10 15.11 -10.28 10.74
CA ALA A 10 15.73 -10.33 12.07
C ALA A 10 17.07 -9.62 12.17
N ASN A 11 17.38 -9.13 13.37
CA ASN A 11 18.65 -8.47 13.66
C ASN A 11 18.98 -7.44 12.56
N THR A 12 17.97 -6.68 12.14
CA THR A 12 18.14 -5.67 11.10
C THR A 12 17.83 -4.28 11.63
N ARG A 13 18.60 -3.29 11.20
CA ARG A 13 18.37 -1.92 11.64
C ARG A 13 17.23 -1.29 10.83
N PHE A 14 16.40 -0.51 11.50
CA PHE A 14 15.30 0.18 10.85
C PHE A 14 15.13 1.52 11.56
N GLY A 15 14.48 2.46 10.88
CA GLY A 15 14.24 3.75 11.49
C GLY A 15 12.78 3.88 11.89
N VAL A 16 12.53 4.52 13.02
CA VAL A 16 11.18 4.74 13.48
C VAL A 16 11.03 6.23 13.74
N THR A 17 10.07 6.86 13.08
CA THR A 17 9.85 8.29 13.22
C THR A 17 8.38 8.56 13.52
N ALA A 18 8.14 9.48 14.45
CA ALA A 18 6.77 9.82 14.84
C ALA A 18 6.47 11.30 14.68
N PHE A 19 5.29 11.60 14.15
CA PHE A 19 4.83 12.97 13.93
C PHE A 19 3.56 13.14 14.77
N ALA A 20 3.29 14.36 15.26
CA ALA A 20 2.10 14.59 16.08
C ALA A 20 1.17 15.65 15.50
N ASN A 21 -0.12 15.39 15.61
CA ASN A 21 -1.17 16.29 15.12
C ASN A 21 -2.34 16.20 16.10
N SER A 22 -2.13 16.73 17.31
CA SER A 22 -3.17 16.67 18.34
C SER A 22 -2.88 17.63 19.49
N SER A 23 -3.94 18.02 20.21
CA SER A 23 -3.80 18.90 21.34
C SER A 23 -3.25 18.09 22.51
N GLY A 24 -3.41 16.77 22.42
CA GLY A 24 -2.94 15.88 23.46
C GLY A 24 -1.51 15.42 23.24
N THR A 25 -0.78 15.24 24.34
CA THR A 25 0.61 14.80 24.28
C THR A 25 0.65 13.33 23.94
N GLN A 26 1.40 13.00 22.89
CA GLN A 26 1.51 11.62 22.41
C GLN A 26 2.67 10.84 23.01
N THR A 27 2.41 9.59 23.39
CA THR A 27 3.45 8.72 23.91
C THR A 27 3.49 7.53 22.97
N VAL A 28 4.58 7.45 22.20
CA VAL A 28 4.76 6.36 21.24
C VAL A 28 5.75 5.33 21.76
N ASN A 29 5.26 4.12 21.98
CA ASN A 29 6.11 3.04 22.46
C ASN A 29 6.44 2.09 21.32
N VAL A 30 7.72 1.79 21.15
CA VAL A 30 8.14 0.86 20.12
C VAL A 30 8.77 -0.34 20.82
N LEU A 31 8.14 -1.51 20.68
CA LEU A 31 8.64 -2.71 21.33
C LEU A 31 9.34 -3.62 20.33
N VAL A 32 10.46 -4.21 20.76
CA VAL A 32 11.22 -5.13 19.94
C VAL A 32 11.42 -6.40 20.75
N ASN A 33 11.11 -7.53 20.14
CA ASN A 33 11.21 -8.82 20.82
C ASN A 33 10.45 -8.75 22.14
N ASN A 34 9.26 -8.16 22.07
CA ASN A 34 8.35 -8.00 23.21
C ASN A 34 8.85 -7.21 24.42
N GLU A 35 9.76 -6.27 24.18
CA GLU A 35 10.28 -5.44 25.24
C GLU A 35 10.35 -4.02 24.68
N THR A 36 9.91 -3.04 25.45
CA THR A 36 9.96 -1.66 25.00
C THR A 36 11.41 -1.30 24.68
N ALA A 37 11.66 -0.87 23.46
CA ALA A 37 13.01 -0.51 23.03
C ALA A 37 13.18 1.00 22.88
N ALA A 38 12.08 1.71 22.67
CA ALA A 38 12.12 3.16 22.49
C ALA A 38 10.78 3.79 22.83
N THR A 39 10.82 5.02 23.31
CA THR A 39 9.61 5.74 23.68
C THR A 39 9.72 7.21 23.29
N PHE A 40 8.79 7.69 22.47
CA PHE A 40 8.81 9.10 22.08
C PHE A 40 7.61 9.80 22.72
N SER A 41 7.87 10.96 23.32
CA SER A 41 6.81 11.74 23.93
C SER A 41 6.87 13.16 23.40
N GLY A 42 5.73 13.67 22.95
CA GLY A 42 5.70 15.02 22.41
C GLY A 42 4.31 15.50 22.07
N GLN A 43 4.20 16.79 21.79
CA GLN A 43 2.95 17.41 21.45
C GLN A 43 3.14 18.38 20.29
N SER A 44 2.19 18.38 19.37
CA SER A 44 2.23 19.25 18.22
C SER A 44 0.91 19.17 17.49
N THR A 45 0.50 20.29 16.91
CA THR A 45 -0.73 20.35 16.15
C THR A 45 -0.34 20.86 14.76
N ASN A 46 0.92 20.58 14.39
CA ASN A 46 1.42 21.02 13.09
C ASN A 46 2.37 19.99 12.47
N ASN A 47 2.11 18.72 12.77
CA ASN A 47 2.88 17.61 12.22
C ASN A 47 4.37 17.60 12.56
N ALA A 48 4.74 18.24 13.67
CA ALA A 48 6.15 18.26 14.05
C ALA A 48 6.62 16.86 14.45
N VAL A 49 7.89 16.57 14.18
CA VAL A 49 8.45 15.28 14.56
C VAL A 49 8.59 15.28 16.08
N ILE A 50 8.13 14.23 16.74
CA ILE A 50 8.27 14.18 18.20
C ILE A 50 9.30 13.15 18.58
N GLY A 51 9.89 12.51 17.58
CA GLY A 51 10.91 11.51 17.85
C GLY A 51 11.34 10.76 16.61
N THR A 52 12.61 10.40 16.56
CA THR A 52 13.15 9.65 15.43
C THR A 52 14.41 8.94 15.91
N GLN A 53 14.49 7.64 15.65
CA GLN A 53 15.64 6.88 16.11
C GLN A 53 15.85 5.65 15.26
N VAL A 54 17.04 5.06 15.35
CA VAL A 54 17.37 3.86 14.62
C VAL A 54 17.44 2.71 15.63
N LEU A 55 16.71 1.63 15.35
CA LEU A 55 16.68 0.49 16.25
C LEU A 55 17.01 -0.81 15.53
N ASN A 56 17.15 -1.88 16.30
CA ASN A 56 17.43 -3.19 15.76
C ASN A 56 16.20 -4.06 16.01
N SER A 57 15.76 -4.80 15.00
CA SER A 57 14.56 -5.63 15.10
C SER A 57 14.60 -6.87 16.00
N GLY A 58 15.73 -7.13 16.65
CA GLY A 58 15.80 -8.27 17.53
C GLY A 58 15.80 -9.63 16.84
N SER A 59 15.94 -10.68 17.63
CA SER A 59 16.00 -12.04 17.10
C SER A 59 14.79 -12.55 16.31
N SER A 60 13.60 -12.07 16.63
CA SER A 60 12.40 -12.52 15.92
C SER A 60 12.03 -11.56 14.80
N GLY A 61 12.49 -10.32 14.92
CA GLY A 61 12.17 -9.32 13.91
C GLY A 61 10.84 -8.64 14.20
N LYS A 62 10.15 -9.11 15.24
CA LYS A 62 8.86 -8.54 15.62
C LYS A 62 9.01 -7.14 16.20
N VAL A 63 8.34 -6.19 15.58
CA VAL A 63 8.36 -4.81 16.05
C VAL A 63 6.93 -4.36 16.22
N GLN A 64 6.62 -3.82 17.39
CA GLN A 64 5.26 -3.36 17.66
C GLN A 64 5.20 -1.93 18.16
N VAL A 65 4.28 -1.17 17.56
CA VAL A 65 4.07 0.22 17.93
C VAL A 65 2.77 0.36 18.71
N GLN A 66 2.83 1.07 19.83
CA GLN A 66 1.64 1.31 20.65
C GLN A 66 1.64 2.79 20.97
N VAL A 67 0.46 3.41 20.90
CA VAL A 67 0.35 4.83 21.19
C VAL A 67 -0.70 5.11 22.26
N SER A 68 -0.37 6.02 23.19
CA SER A 68 -1.31 6.37 24.25
C SER A 68 -1.23 7.87 24.54
N VAL A 69 -2.33 8.42 25.02
CA VAL A 69 -2.41 9.83 25.36
C VAL A 69 -2.99 9.93 26.76
N ASN A 70 -2.11 10.17 27.73
CA ASN A 70 -2.52 10.26 29.14
C ASN A 70 -3.13 8.94 29.60
N GLY A 71 -2.39 7.86 29.39
CA GLY A 71 -2.86 6.54 29.79
C GLY A 71 -3.78 5.85 28.80
N ARG A 72 -4.65 6.61 28.14
CA ARG A 72 -5.59 6.04 27.18
C ARG A 72 -4.93 5.56 25.89
N PRO A 73 -5.10 4.26 25.56
CA PRO A 73 -4.53 3.65 24.35
C PRO A 73 -5.26 4.17 23.12
N SER A 74 -4.51 4.68 22.14
CA SER A 74 -5.12 5.18 20.92
C SER A 74 -5.41 4.01 19.98
N ASP A 75 -6.51 4.10 19.23
CA ASP A 75 -6.85 3.04 18.29
C ASP A 75 -5.89 3.15 17.12
N LEU A 76 -5.37 2.01 16.66
CA LEU A 76 -4.39 2.01 15.58
C LEU A 76 -4.87 1.48 14.24
N VAL A 77 -4.24 2.00 13.20
CA VAL A 77 -4.48 1.57 11.83
C VAL A 77 -3.07 1.44 11.25
N SER A 78 -2.84 0.43 10.42
CA SER A 78 -1.51 0.23 9.88
C SER A 78 -1.45 -0.68 8.65
N ALA A 79 -0.27 -0.76 8.06
CA ALA A 79 -0.03 -1.58 6.89
C ALA A 79 1.45 -1.50 6.51
N GLN A 80 1.91 -2.48 5.75
CA GLN A 80 3.30 -2.51 5.29
C GLN A 80 3.27 -2.43 3.77
N VAL A 81 4.20 -1.65 3.22
CA VAL A 81 4.29 -1.48 1.78
C VAL A 81 5.72 -1.76 1.34
N ILE A 82 5.86 -2.48 0.23
CA ILE A 82 7.18 -2.81 -0.29
C ILE A 82 7.27 -2.32 -1.73
N LEU A 83 8.26 -1.48 -1.99
CA LEU A 83 8.45 -0.94 -3.34
C LEU A 83 9.62 -1.62 -4.04
N THR A 84 9.43 -1.86 -5.34
CA THR A 84 10.41 -2.53 -6.19
C THR A 84 11.01 -3.78 -5.52
N ASN A 85 10.15 -4.48 -4.78
CA ASN A 85 10.49 -5.71 -4.08
C ASN A 85 11.69 -5.64 -3.14
N GLU A 86 11.96 -4.47 -2.57
CA GLU A 86 13.11 -4.31 -1.68
C GLU A 86 13.02 -3.19 -0.63
N LEU A 87 12.39 -2.07 -0.98
CA LEU A 87 12.26 -0.94 -0.05
C LEU A 87 10.97 -1.09 0.77
N ASN A 88 11.11 -1.18 2.09
CA ASN A 88 9.96 -1.37 2.99
C ASN A 88 9.49 -0.19 3.83
N PHE A 89 8.17 -0.12 4.01
CA PHE A 89 7.52 0.91 4.80
C PHE A 89 6.47 0.30 5.72
N ALA A 90 6.61 0.52 7.04
CA ALA A 90 5.65 0.03 8.02
C ALA A 90 5.00 1.31 8.52
N LEU A 91 3.72 1.48 8.22
CA LEU A 91 2.99 2.71 8.56
C LEU A 91 1.97 2.55 9.67
N VAL A 92 1.92 3.53 10.56
CA VAL A 92 0.96 3.50 11.66
C VAL A 92 0.25 4.83 11.86
N GLY A 93 -1.08 4.75 11.99
CA GLY A 93 -1.88 5.92 12.25
C GLY A 93 -2.56 5.64 13.57
N SER A 94 -2.84 6.67 14.35
CA SER A 94 -3.48 6.49 15.65
C SER A 94 -4.49 7.58 15.94
N GLU A 95 -5.60 7.18 16.56
CA GLU A 95 -6.69 8.08 16.91
C GLU A 95 -6.89 8.14 18.42
N ASP A 96 -6.55 9.28 19.03
CA ASP A 96 -6.69 9.44 20.47
C ASP A 96 -8.06 9.98 20.88
N GLY A 97 -8.90 10.30 19.91
CA GLY A 97 -10.22 10.83 20.23
C GLY A 97 -11.39 10.22 19.50
N THR A 98 -12.29 11.08 19.01
CA THR A 98 -13.47 10.62 18.31
C THR A 98 -13.66 11.21 16.90
N ASP A 99 -12.79 12.13 16.51
CA ASP A 99 -12.92 12.75 15.19
C ASP A 99 -12.39 11.85 14.07
N ASN A 100 -11.70 10.80 14.48
CA ASN A 100 -11.14 9.80 13.56
C ASN A 100 -10.31 10.29 12.37
N ASP A 101 -9.35 11.18 12.61
CA ASP A 101 -8.49 11.60 11.51
C ASP A 101 -7.25 10.70 11.51
N TYR A 102 -7.11 9.91 12.57
CA TYR A 102 -6.00 8.98 12.72
C TYR A 102 -4.61 9.55 12.43
N ASN A 103 -4.42 10.82 12.76
CA ASN A 103 -3.13 11.48 12.54
C ASN A 103 -2.56 12.04 13.85
N ASP A 104 -3.28 11.82 14.94
CA ASP A 104 -2.85 12.34 16.25
C ASP A 104 -1.38 12.01 16.51
N ALA A 105 -1.01 10.79 16.13
CA ALA A 105 0.37 10.34 16.23
C ALA A 105 0.54 9.46 15.00
N VAL A 106 1.40 9.89 14.08
CA VAL A 106 1.65 9.15 12.85
C VAL A 106 3.08 8.61 12.96
N VAL A 107 3.23 7.31 12.77
CA VAL A 107 4.53 6.67 12.89
C VAL A 107 4.95 5.96 11.61
N VAL A 108 6.16 6.25 11.16
CA VAL A 108 6.70 5.64 9.96
C VAL A 108 7.96 4.85 10.30
N ILE A 109 7.97 3.59 9.89
CA ILE A 109 9.12 2.72 10.09
C ILE A 109 9.64 2.41 8.70
N ASN A 110 10.93 2.60 8.47
CA ASN A 110 11.51 2.32 7.16
C ASN A 110 12.80 1.52 7.21
N TRP A 111 13.03 0.71 6.18
CA TRP A 111 14.23 -0.11 6.09
C TRP A 111 14.32 -0.60 4.66
N PRO A 112 15.52 -0.97 4.20
CA PRO A 112 16.78 -0.94 4.95
C PRO A 112 17.28 0.49 5.15
N LEU A 113 18.25 0.66 6.04
CA LEU A 113 18.85 1.96 6.28
C LEU A 113 20.27 1.91 5.70
N GLY A 114 20.99 3.01 5.80
CA GLY A 114 22.35 3.07 5.33
C GLY A 114 22.60 2.96 3.83
N ALA B 1 7.21 3.84 -15.95
CA ALA B 1 6.05 4.67 -15.53
C ALA B 1 6.52 5.83 -14.66
N THR B 2 5.76 6.92 -14.68
CA THR B 2 6.11 8.08 -13.88
C THR B 2 6.01 7.74 -12.40
N GLN B 3 6.93 8.29 -11.61
CA GLN B 3 6.96 8.04 -10.18
C GLN B 3 7.22 9.36 -9.44
N GLY B 4 6.66 9.49 -8.24
CA GLY B 4 6.88 10.70 -7.47
C GLY B 4 5.83 11.78 -7.66
N VAL B 5 4.76 11.47 -8.39
CA VAL B 5 3.69 12.43 -8.64
C VAL B 5 2.46 11.97 -7.86
N PHE B 6 1.85 12.89 -7.12
CA PHE B 6 0.67 12.55 -6.32
C PHE B 6 -0.40 13.62 -6.44
N THR B 7 -1.65 13.19 -6.55
CA THR B 7 -2.77 14.11 -6.63
C THR B 7 -3.43 14.16 -5.26
N LEU B 8 -3.25 15.28 -4.57
CA LEU B 8 -3.84 15.47 -3.25
C LEU B 8 -5.15 16.25 -3.35
N PRO B 9 -6.00 16.16 -2.33
CA PRO B 9 -7.25 16.91 -2.42
C PRO B 9 -6.83 18.38 -2.51
N ALA B 10 -7.59 19.17 -3.27
CA ALA B 10 -7.29 20.58 -3.45
C ALA B 10 -7.24 21.39 -2.16
N ASN B 11 -6.39 22.41 -2.17
CA ASN B 11 -6.22 23.32 -1.04
C ASN B 11 -6.19 22.63 0.32
N THR B 12 -5.37 21.60 0.43
CA THR B 12 -5.25 20.86 1.68
C THR B 12 -3.81 20.89 2.12
N ARG B 13 -3.57 21.12 3.40
CA ARG B 13 -2.22 21.14 3.91
C ARG B 13 -1.73 19.73 4.13
N PHE B 14 -0.46 19.49 3.84
CA PHE B 14 0.14 18.18 4.02
C PHE B 14 1.54 18.35 4.54
N GLY B 15 2.09 17.27 5.08
CA GLY B 15 3.44 17.33 5.58
C GLY B 15 4.34 16.57 4.63
N VAL B 16 5.54 17.08 4.40
CA VAL B 16 6.49 16.40 3.54
C VAL B 16 7.79 16.30 4.33
N THR B 17 8.37 15.10 4.38
CA THR B 17 9.58 14.85 5.15
C THR B 17 10.56 13.97 4.38
N ALA B 18 11.85 14.30 4.46
CA ALA B 18 12.88 13.53 3.76
C ALA B 18 13.89 12.89 4.70
N PHE B 19 14.31 11.67 4.34
CA PHE B 19 15.27 10.89 5.10
C PHE B 19 16.45 10.56 4.18
N ALA B 20 17.66 10.50 4.72
CA ALA B 20 18.83 10.20 3.92
C ALA B 20 19.58 8.97 4.39
N ASN B 21 20.01 8.14 3.44
CA ASN B 21 20.77 6.92 3.72
C ASN B 21 21.75 6.71 2.57
N SER B 22 22.75 7.58 2.49
CA SER B 22 23.73 7.49 1.40
C SER B 22 24.99 8.27 1.74
N SER B 23 26.09 7.91 1.09
CA SER B 23 27.36 8.61 1.32
C SER B 23 27.34 9.93 0.56
N GLY B 24 26.44 10.02 -0.41
CA GLY B 24 26.33 11.22 -1.22
C GLY B 24 25.26 12.17 -0.71
N THR B 25 25.53 13.47 -0.85
CA THR B 25 24.60 14.50 -0.41
C THR B 25 23.31 14.47 -1.21
N GLN B 26 22.19 14.33 -0.51
CA GLN B 26 20.89 14.27 -1.16
C GLN B 26 20.24 15.64 -1.27
N THR B 27 19.51 15.85 -2.36
CA THR B 27 18.79 17.09 -2.59
C THR B 27 17.38 16.71 -3.02
N VAL B 28 16.39 17.00 -2.18
CA VAL B 28 15.00 16.68 -2.44
C VAL B 28 14.19 17.93 -2.78
N ASN B 29 13.53 17.93 -3.93
CA ASN B 29 12.69 19.06 -4.31
C ASN B 29 11.22 18.63 -4.33
N VAL B 30 10.36 19.46 -3.75
CA VAL B 30 8.94 19.19 -3.67
C VAL B 30 8.19 20.26 -4.45
N LEU B 31 7.63 19.86 -5.59
CA LEU B 31 6.88 20.79 -6.43
C LEU B 31 5.38 20.71 -6.20
N VAL B 32 4.75 21.87 -6.12
CA VAL B 32 3.31 21.97 -5.93
C VAL B 32 2.82 22.73 -7.15
N ASN B 33 1.97 22.07 -7.94
CA ASN B 33 1.44 22.63 -9.19
C ASN B 33 2.58 23.01 -10.12
N ASN B 34 3.59 22.13 -10.17
CA ASN B 34 4.75 22.28 -11.02
C ASN B 34 5.76 23.36 -10.65
N GLU B 35 5.65 23.90 -9.44
CA GLU B 35 6.58 24.91 -8.97
C GLU B 35 7.14 24.44 -7.63
N THR B 36 8.46 24.47 -7.48
CA THR B 36 9.09 24.04 -6.24
C THR B 36 8.56 24.84 -5.06
N ALA B 37 8.09 24.14 -4.03
CA ALA B 37 7.54 24.77 -2.85
C ALA B 37 8.42 24.48 -1.64
N ALA B 38 9.26 23.46 -1.76
CA ALA B 38 10.17 23.09 -0.68
C ALA B 38 11.39 22.35 -1.23
N THR B 39 12.53 22.52 -0.53
CA THR B 39 13.77 21.86 -0.91
C THR B 39 14.55 21.48 0.35
N PHE B 40 14.91 20.20 0.45
CA PHE B 40 15.67 19.71 1.60
C PHE B 40 16.96 19.10 1.06
N SER B 41 17.99 19.08 1.90
CA SER B 41 19.27 18.51 1.51
C SER B 41 20.06 18.11 2.74
N GLY B 42 20.93 17.12 2.59
CA GLY B 42 21.72 16.66 3.70
C GLY B 42 22.51 15.43 3.31
N GLN B 43 23.39 14.98 4.19
CA GLN B 43 24.19 13.79 3.90
C GLN B 43 24.28 12.93 5.15
N SER B 44 23.60 11.79 5.09
CA SER B 44 23.59 10.84 6.19
C SER B 44 23.41 9.42 5.71
N THR B 45 24.00 8.48 6.44
CA THR B 45 23.88 7.06 6.15
C THR B 45 23.19 6.44 7.35
N ASN B 46 22.55 7.27 8.17
CA ASN B 46 21.88 6.79 9.37
C ASN B 46 20.44 7.30 9.47
N ASN B 47 19.77 7.38 8.33
CA ASN B 47 18.36 7.81 8.26
C ASN B 47 18.03 9.18 8.86
N ALA B 48 18.97 10.11 8.79
CA ALA B 48 18.73 11.45 9.33
C ALA B 48 17.55 12.12 8.64
N VAL B 49 16.64 12.70 9.42
CA VAL B 49 15.48 13.40 8.86
C VAL B 49 16.02 14.76 8.39
N ILE B 50 16.53 14.79 7.16
CA ILE B 50 17.13 16.01 6.62
C ILE B 50 16.23 17.22 6.42
N GLY B 51 14.92 17.04 6.58
CA GLY B 51 14.02 18.16 6.41
C GLY B 51 12.56 17.78 6.50
N THR B 52 11.73 18.75 6.89
CA THR B 52 10.30 18.53 7.01
C THR B 52 9.61 19.88 6.91
N GLN B 53 8.42 19.90 6.36
CA GLN B 53 7.72 21.17 6.21
C GLN B 53 6.26 20.93 5.87
N VAL B 54 5.43 21.88 6.26
CA VAL B 54 4.00 21.80 5.99
C VAL B 54 3.73 22.68 4.78
N LEU B 55 3.12 22.11 3.75
CA LEU B 55 2.80 22.82 2.53
C LEU B 55 1.30 22.75 2.28
N ASN B 56 0.84 23.49 1.27
CA ASN B 56 -0.57 23.47 0.89
C ASN B 56 -0.62 22.99 -0.55
N SER B 57 -1.51 22.03 -0.83
CA SER B 57 -1.62 21.46 -2.16
C SER B 57 -2.14 22.42 -3.24
N GLY B 58 -2.61 23.59 -2.81
CA GLY B 58 -3.12 24.56 -3.77
C GLY B 58 -4.35 24.11 -4.54
N SER B 59 -4.72 24.89 -5.56
CA SER B 59 -5.88 24.57 -6.36
C SER B 59 -5.75 23.30 -7.20
N SER B 60 -4.54 23.02 -7.69
CA SER B 60 -4.32 21.82 -8.51
C SER B 60 -4.23 20.54 -7.69
N GLY B 61 -3.68 20.64 -6.49
CA GLY B 61 -3.54 19.47 -5.65
C GLY B 61 -2.41 18.57 -6.14
N LYS B 62 -1.74 18.98 -7.21
CA LYS B 62 -0.66 18.19 -7.76
C LYS B 62 0.65 18.38 -6.99
N VAL B 63 1.23 17.28 -6.53
CA VAL B 63 2.48 17.33 -5.79
C VAL B 63 3.48 16.37 -6.44
N GLN B 64 4.71 16.83 -6.63
CA GLN B 64 5.74 16.01 -7.24
C GLN B 64 7.05 16.06 -6.49
N VAL B 65 7.63 14.89 -6.25
CA VAL B 65 8.91 14.80 -5.55
C VAL B 65 10.02 14.45 -6.53
N GLN B 66 11.09 15.24 -6.51
CA GLN B 66 12.25 15.03 -7.37
C GLN B 66 13.49 14.91 -6.50
N VAL B 67 14.33 13.91 -6.78
CA VAL B 67 15.54 13.69 -6.01
C VAL B 67 16.78 13.70 -6.89
N SER B 68 17.78 14.49 -6.51
CA SER B 68 19.01 14.57 -7.28
C SER B 68 20.22 14.51 -6.36
N VAL B 69 21.30 13.95 -6.87
CA VAL B 69 22.55 13.83 -6.13
C VAL B 69 23.63 14.37 -7.06
N ASN B 70 24.32 15.42 -6.60
CA ASN B 70 25.36 16.05 -7.40
C ASN B 70 24.87 16.38 -8.81
N GLY B 71 23.67 16.96 -8.88
CA GLY B 71 23.11 17.35 -10.17
C GLY B 71 22.45 16.27 -11.00
N ARG B 72 22.60 15.02 -10.60
CA ARG B 72 22.00 13.92 -11.36
C ARG B 72 20.75 13.35 -10.69
N PRO B 73 19.66 13.23 -11.46
CA PRO B 73 18.41 12.69 -10.93
C PRO B 73 18.55 11.22 -10.55
N SER B 74 17.97 10.85 -9.41
CA SER B 74 18.03 9.47 -8.95
C SER B 74 16.80 8.76 -9.47
N ASP B 75 16.86 7.43 -9.54
CA ASP B 75 15.73 6.66 -10.01
C ASP B 75 14.72 6.61 -8.87
N LEU B 76 13.45 6.84 -9.18
CA LEU B 76 12.42 6.87 -8.15
C LEU B 76 11.44 5.70 -8.16
N VAL B 77 10.91 5.40 -6.98
CA VAL B 77 9.91 4.36 -6.78
C VAL B 77 8.91 5.03 -5.84
N SER B 78 7.63 4.77 -6.03
CA SER B 78 6.63 5.41 -5.17
C SER B 78 5.27 4.74 -5.21
N ALA B 79 4.41 5.18 -4.31
CA ALA B 79 3.05 4.66 -4.22
C ALA B 79 2.31 5.44 -3.14
N GLN B 80 0.99 5.39 -3.18
CA GLN B 80 0.17 6.05 -2.19
C GLN B 80 -0.67 4.96 -1.51
N VAL B 81 -0.77 5.04 -0.18
CA VAL B 81 -1.56 4.09 0.57
C VAL B 81 -2.54 4.86 1.44
N ILE B 82 -3.76 4.36 1.56
CA ILE B 82 -4.77 5.03 2.38
C ILE B 82 -5.27 4.05 3.44
N LEU B 83 -5.26 4.50 4.69
CA LEU B 83 -5.72 3.66 5.80
C LEU B 83 -7.07 4.14 6.32
N THR B 84 -7.92 3.18 6.66
CA THR B 84 -9.27 3.42 7.15
C THR B 84 -9.93 4.53 6.31
N ASN B 85 -9.66 4.47 5.01
CA ASN B 85 -10.20 5.41 4.03
C ASN B 85 -10.10 6.86 4.51
N GLU B 86 -9.09 7.12 5.33
CA GLU B 86 -8.89 8.44 5.92
C GLU B 86 -7.47 8.97 5.97
N LEU B 87 -6.54 8.14 6.43
CA LEU B 87 -5.14 8.52 6.57
C LEU B 87 -4.34 8.19 5.32
N ASN B 88 -3.73 9.23 4.74
CA ASN B 88 -2.97 9.12 3.51
C ASN B 88 -1.46 9.25 3.65
N PHE B 89 -0.74 8.40 2.92
CA PHE B 89 0.71 8.43 2.88
C PHE B 89 1.15 8.35 1.43
N ALA B 90 1.95 9.32 1.00
CA ALA B 90 2.48 9.33 -0.36
C ALA B 90 3.95 8.99 -0.12
N LEU B 91 4.39 7.85 -0.61
CA LEU B 91 5.74 7.39 -0.36
C LEU B 91 6.67 7.42 -1.57
N VAL B 92 7.92 7.82 -1.33
CA VAL B 92 8.91 7.88 -2.39
C VAL B 92 10.26 7.34 -1.94
N GLY B 93 10.84 6.51 -2.79
CA GLY B 93 12.15 5.94 -2.52
C GLY B 93 13.03 6.38 -3.68
N SER B 94 14.32 6.49 -3.45
CA SER B 94 15.22 6.92 -4.53
C SER B 94 16.53 6.14 -4.49
N GLU B 95 17.13 5.94 -5.65
CA GLU B 95 18.39 5.23 -5.76
C GLU B 95 19.39 6.03 -6.57
N ASP B 96 20.44 6.54 -5.92
CA ASP B 96 21.44 7.34 -6.61
C ASP B 96 22.62 6.50 -7.12
N GLY B 97 22.49 5.19 -7.03
CA GLY B 97 23.56 4.32 -7.49
C GLY B 97 23.08 3.05 -8.18
N THR B 98 23.74 1.93 -7.87
CA THR B 98 23.39 0.64 -8.46
C THR B 98 23.30 -0.50 -7.44
N ASP B 99 23.42 -0.19 -6.15
CA ASP B 99 23.36 -1.22 -5.12
C ASP B 99 21.94 -1.63 -4.75
N ASN B 100 20.97 -1.05 -5.45
CA ASN B 100 19.57 -1.39 -5.25
C ASN B 100 19.02 -1.39 -3.81
N ASP B 101 19.17 -0.31 -3.06
CA ASP B 101 18.56 -0.30 -1.73
C ASP B 101 17.44 0.74 -1.71
N TYR B 102 17.46 1.60 -2.73
CA TYR B 102 16.46 2.65 -2.92
C TYR B 102 16.08 3.47 -1.68
N ASN B 103 17.04 3.66 -0.79
CA ASN B 103 16.79 4.42 0.44
C ASN B 103 17.67 5.66 0.52
N ASP B 104 18.47 5.89 -0.52
CA ASP B 104 19.39 7.02 -0.55
C ASP B 104 18.74 8.31 -0.10
N ALA B 105 17.48 8.46 -0.49
CA ALA B 105 16.66 9.60 -0.09
C ALA B 105 15.26 9.00 -0.09
N VAL B 106 14.62 9.05 1.06
CA VAL B 106 13.26 8.54 1.22
C VAL B 106 12.40 9.73 1.61
N VAL B 107 11.25 9.85 0.97
CA VAL B 107 10.35 10.97 1.24
C VAL B 107 8.95 10.47 1.59
N VAL B 108 8.41 11.02 2.66
CA VAL B 108 7.08 10.66 3.11
C VAL B 108 6.19 11.90 3.16
N ILE B 109 5.03 11.81 2.53
CA ILE B 109 4.06 12.90 2.51
C ILE B 109 2.83 12.36 3.22
N ASN B 110 2.33 13.09 4.22
CA ASN B 110 1.16 12.63 4.95
C ASN B 110 0.10 13.72 5.08
N TRP B 111 -1.15 13.30 5.19
CA TRP B 111 -2.27 14.20 5.35
C TRP B 111 -3.49 13.34 5.66
N PRO B 112 -4.54 13.94 6.26
CA PRO B 112 -4.64 15.34 6.66
C PRO B 112 -3.81 15.64 7.92
N LEU B 113 -3.63 16.92 8.21
CA LEU B 113 -2.90 17.33 9.40
C LEU B 113 -3.91 17.88 10.41
N GLY B 114 -3.42 18.36 11.55
CA GLY B 114 -4.32 18.93 12.55
C GLY B 114 -5.23 17.93 13.21
N ALA C 1 -10.24 0.57 14.08
CA ALA C 1 -10.81 1.55 13.10
C ALA C 1 -11.74 0.84 12.12
N THR C 2 -12.58 1.62 11.47
CA THR C 2 -13.52 1.09 10.48
C THR C 2 -12.72 0.56 9.30
N GLN C 3 -13.18 -0.55 8.72
CA GLN C 3 -12.50 -1.17 7.58
C GLN C 3 -13.52 -1.59 6.52
N GLY C 4 -13.05 -1.70 5.27
CA GLY C 4 -13.94 -2.11 4.20
C GLY C 4 -14.75 -1.01 3.55
N VAL C 5 -14.45 0.24 3.90
CA VAL C 5 -15.15 1.39 3.34
C VAL C 5 -14.19 2.21 2.48
N PHE C 6 -14.58 2.50 1.24
CA PHE C 6 -13.74 3.25 0.32
C PHE C 6 -14.49 4.37 -0.40
N THR C 7 -13.81 5.49 -0.63
CA THR C 7 -14.43 6.59 -1.35
C THR C 7 -13.81 6.64 -2.75
N LEU C 8 -14.58 6.25 -3.76
CA LEU C 8 -14.12 6.28 -5.14
C LEU C 8 -14.60 7.56 -5.81
N PRO C 9 -14.06 7.88 -6.99
CA PRO C 9 -14.53 9.10 -7.65
C PRO C 9 -16.01 8.91 -7.91
N ALA C 10 -16.77 10.00 -7.92
CA ALA C 10 -18.19 9.90 -8.16
C ALA C 10 -18.49 9.33 -9.54
N ASN C 11 -19.63 8.65 -9.66
CA ASN C 11 -20.10 8.09 -10.93
C ASN C 11 -19.00 7.41 -11.74
N THR C 12 -18.24 6.52 -11.12
CA THR C 12 -17.16 5.84 -11.81
C THR C 12 -17.29 4.31 -11.80
N ARG C 13 -17.03 3.70 -12.96
CA ARG C 13 -17.10 2.25 -13.05
C ARG C 13 -15.88 1.66 -12.35
N PHE C 14 -16.09 0.56 -11.64
CA PHE C 14 -14.99 -0.10 -10.98
C PHE C 14 -15.32 -1.58 -10.94
N GLY C 15 -14.28 -2.40 -10.82
CA GLY C 15 -14.50 -3.82 -10.77
C GLY C 15 -14.45 -4.26 -9.32
N VAL C 16 -15.14 -5.34 -9.02
CA VAL C 16 -15.12 -5.89 -7.68
C VAL C 16 -15.10 -7.39 -7.84
N THR C 17 -14.11 -8.02 -7.23
CA THR C 17 -13.95 -9.45 -7.33
C THR C 17 -13.71 -10.04 -5.95
N ALA C 18 -14.31 -11.20 -5.68
CA ALA C 18 -14.13 -11.86 -4.39
C ALA C 18 -13.62 -13.28 -4.55
N PHE C 19 -12.73 -13.69 -3.67
CA PHE C 19 -12.16 -15.04 -3.68
C PHE C 19 -12.48 -15.64 -2.32
N ALA C 20 -12.55 -16.97 -2.26
CA ALA C 20 -12.84 -17.63 -0.99
C ALA C 20 -11.74 -18.61 -0.58
N ASN C 21 -11.44 -18.64 0.72
CA ASN C 21 -10.42 -19.52 1.26
C ASN C 21 -10.90 -19.94 2.65
N SER C 22 -12.01 -20.66 2.69
CA SER C 22 -12.59 -21.10 3.96
C SER C 22 -13.53 -22.27 3.79
N SER C 23 -13.65 -23.07 4.85
CA SER C 23 -14.54 -24.21 4.83
C SER C 23 -15.98 -23.73 4.77
N GLY C 24 -16.24 -22.58 5.38
CA GLY C 24 -17.58 -22.03 5.40
C GLY C 24 -17.95 -21.20 4.18
N THR C 25 -19.25 -21.11 3.92
CA THR C 25 -19.73 -20.35 2.77
C THR C 25 -19.64 -18.85 3.05
N GLN C 26 -19.04 -18.14 2.11
CA GLN C 26 -18.85 -16.70 2.21
C GLN C 26 -19.96 -15.92 1.51
N THR C 27 -20.51 -14.93 2.21
CA THR C 27 -21.54 -14.07 1.62
C THR C 27 -20.96 -12.66 1.65
N VAL C 28 -20.59 -12.16 0.48
CA VAL C 28 -20.01 -10.82 0.36
C VAL C 28 -21.04 -9.83 -0.18
N ASN C 29 -21.28 -8.76 0.60
CA ASN C 29 -22.23 -7.74 0.18
C ASN C 29 -21.47 -6.48 -0.19
N VAL C 30 -21.75 -5.94 -1.37
CA VAL C 30 -21.08 -4.72 -1.82
C VAL C 30 -22.09 -3.58 -1.83
N LEU C 31 -21.88 -2.62 -0.94
CA LEU C 31 -22.79 -1.50 -0.83
C LEU C 31 -22.31 -0.24 -1.57
N VAL C 32 -23.24 0.41 -2.26
CA VAL C 32 -22.96 1.64 -2.99
C VAL C 32 -24.01 2.65 -2.52
N ASN C 33 -23.55 3.70 -1.84
CA ASN C 33 -24.44 4.71 -1.29
C ASN C 33 -25.37 4.03 -0.30
N ASN C 34 -24.78 3.23 0.57
CA ASN C 34 -25.53 2.50 1.61
C ASN C 34 -26.59 1.54 1.10
N GLU C 35 -26.56 1.23 -0.19
CA GLU C 35 -27.52 0.30 -0.77
C GLU C 35 -26.78 -0.89 -1.38
N THR C 36 -27.31 -2.09 -1.18
CA THR C 36 -26.70 -3.28 -1.72
C THR C 36 -26.73 -3.26 -3.24
N ALA C 37 -25.56 -3.18 -3.85
CA ALA C 37 -25.46 -3.14 -5.31
C ALA C 37 -25.10 -4.51 -5.86
N ALA C 38 -24.48 -5.34 -5.03
CA ALA C 38 -24.08 -6.68 -5.46
C ALA C 38 -23.84 -7.61 -4.28
N THR C 39 -24.12 -8.88 -4.50
CA THR C 39 -23.91 -9.90 -3.48
C THR C 39 -23.26 -11.11 -4.12
N PHE C 40 -22.20 -11.61 -3.48
CA PHE C 40 -21.50 -12.79 -3.97
C PHE C 40 -21.56 -13.85 -2.87
N SER C 41 -21.95 -15.06 -3.25
CA SER C 41 -22.05 -16.15 -2.28
C SER C 41 -21.42 -17.41 -2.85
N GLY C 42 -20.50 -18.00 -2.11
CA GLY C 42 -19.85 -19.21 -2.56
C GLY C 42 -18.91 -19.78 -1.52
N GLN C 43 -18.46 -21.00 -1.77
CA GLN C 43 -17.53 -21.66 -0.85
C GLN C 43 -16.37 -22.23 -1.62
N SER C 44 -15.17 -22.05 -1.06
CA SER C 44 -13.96 -22.56 -1.67
C SER C 44 -12.81 -22.48 -0.68
N THR C 45 -11.91 -23.46 -0.78
CA THR C 45 -10.73 -23.50 0.05
C THR C 45 -9.53 -23.38 -0.87
N ASN C 46 -9.78 -23.00 -2.13
CA ASN C 46 -8.71 -22.86 -3.09
C ASN C 46 -8.73 -21.55 -3.90
N ASN C 47 -9.04 -20.45 -3.23
CA ASN C 47 -9.06 -19.10 -3.81
C ASN C 47 -9.92 -18.93 -5.06
N ALA C 48 -11.03 -19.67 -5.13
CA ALA C 48 -11.90 -19.55 -6.29
C ALA C 48 -12.63 -18.22 -6.31
N VAL C 49 -12.94 -17.73 -7.51
CA VAL C 49 -13.67 -16.48 -7.66
C VAL C 49 -15.15 -16.78 -7.44
N ILE C 50 -15.69 -16.32 -6.32
CA ILE C 50 -17.11 -16.55 -6.04
C ILE C 50 -17.95 -15.42 -6.62
N GLY C 51 -17.28 -14.48 -7.28
CA GLY C 51 -17.98 -13.37 -7.90
C GLY C 51 -17.08 -12.28 -8.41
N THR C 52 -17.44 -11.72 -9.56
CA THR C 52 -16.68 -10.62 -10.17
C THR C 52 -17.73 -9.86 -11.00
N GLN C 53 -17.76 -8.54 -10.88
CA GLN C 53 -18.75 -7.80 -11.58
C GLN C 53 -18.27 -6.35 -11.75
N VAL C 54 -18.95 -5.58 -12.60
CA VAL C 54 -18.61 -4.18 -12.78
C VAL C 54 -19.73 -3.39 -12.16
N LEU C 55 -19.40 -2.42 -11.33
CA LEU C 55 -20.39 -1.58 -10.66
C LEU C 55 -20.07 -0.12 -10.89
N ASN C 56 -20.97 0.77 -10.48
CA ASN C 56 -20.74 2.20 -10.65
C ASN C 56 -20.82 2.85 -9.27
N SER C 57 -19.76 3.58 -8.90
CA SER C 57 -19.71 4.24 -7.61
C SER C 57 -20.89 5.17 -7.34
N GLY C 58 -21.50 5.69 -8.40
CA GLY C 58 -22.64 6.56 -8.21
C GLY C 58 -22.28 7.94 -7.69
N SER C 59 -23.29 8.69 -7.26
CA SER C 59 -23.11 10.04 -6.75
C SER C 59 -22.13 10.17 -5.58
N SER C 60 -22.40 9.48 -4.48
CA SER C 60 -21.55 9.56 -3.31
C SER C 60 -20.15 8.99 -3.52
N GLY C 61 -20.05 8.01 -4.40
CA GLY C 61 -18.76 7.38 -4.66
C GLY C 61 -18.37 6.51 -3.47
N LYS C 62 -19.30 6.35 -2.54
CA LYS C 62 -19.05 5.55 -1.35
C LYS C 62 -19.30 4.06 -1.57
N VAL C 63 -18.27 3.26 -1.36
CA VAL C 63 -18.38 1.83 -1.54
C VAL C 63 -17.95 1.12 -0.26
N GLN C 64 -18.78 0.18 0.19
CA GLN C 64 -18.47 -0.56 1.40
C GLN C 64 -18.66 -2.05 1.20
N VAL C 65 -17.67 -2.82 1.64
CA VAL C 65 -17.70 -4.26 1.52
C VAL C 65 -18.00 -4.87 2.88
N GLN C 66 -18.90 -5.85 2.91
CA GLN C 66 -19.24 -6.54 4.14
C GLN C 66 -19.19 -8.04 3.88
N VAL C 67 -18.69 -8.79 4.85
CA VAL C 67 -18.58 -10.23 4.72
C VAL C 67 -19.17 -10.90 5.95
N SER C 68 -19.90 -11.98 5.73
CA SER C 68 -20.50 -12.74 6.81
C SER C 68 -20.57 -14.21 6.44
N VAL C 69 -20.54 -15.06 7.46
CA VAL C 69 -20.61 -16.51 7.30
C VAL C 69 -21.76 -16.99 8.18
N ASN C 70 -22.90 -17.25 7.56
CA ASN C 70 -24.10 -17.70 8.27
C ASN C 70 -24.65 -16.58 9.14
N GLY C 71 -24.79 -15.38 8.54
CA GLY C 71 -25.31 -14.25 9.27
C GLY C 71 -24.30 -13.51 10.14
N ARG C 72 -23.28 -14.23 10.60
CA ARG C 72 -22.25 -13.64 11.45
C ARG C 72 -21.21 -12.84 10.66
N PRO C 73 -21.09 -11.54 10.95
CA PRO C 73 -20.14 -10.66 10.27
C PRO C 73 -18.69 -11.06 10.56
N SER C 74 -17.85 -11.05 9.52
CA SER C 74 -16.45 -11.39 9.67
C SER C 74 -15.68 -10.11 10.00
N ASP C 75 -14.56 -10.27 10.72
CA ASP C 75 -13.74 -9.11 11.06
C ASP C 75 -12.98 -8.76 9.78
N LEU C 76 -12.91 -7.47 9.47
CA LEU C 76 -12.27 -7.04 8.23
C LEU C 76 -10.97 -6.25 8.39
N VAL C 77 -10.13 -6.31 7.37
CA VAL C 77 -8.88 -5.56 7.31
C VAL C 77 -8.91 -5.00 5.89
N SER C 78 -8.43 -3.78 5.69
CA SER C 78 -8.46 -3.20 4.35
C SER C 78 -7.52 -2.03 4.16
N ALA C 79 -7.32 -1.65 2.90
CA ALA C 79 -6.46 -0.54 2.56
C ALA C 79 -6.63 -0.20 1.10
N GLN C 80 -6.25 1.02 0.73
CA GLN C 80 -6.34 1.43 -0.67
C GLN C 80 -4.90 1.75 -1.09
N VAL C 81 -4.53 1.29 -2.28
CA VAL C 81 -3.20 1.53 -2.80
C VAL C 81 -3.28 2.10 -4.21
N ILE C 82 -2.54 3.16 -4.47
CA ILE C 82 -2.53 3.78 -5.79
C ILE C 82 -1.12 3.71 -6.38
N LEU C 83 -1.03 3.24 -7.62
CA LEU C 83 0.24 3.12 -8.31
C LEU C 83 0.34 4.18 -9.41
N THR C 84 1.54 4.73 -9.57
CA THR C 84 1.82 5.77 -10.56
C THR C 84 0.70 6.80 -10.62
N ASN C 85 0.14 7.09 -9.45
CA ASN C 85 -0.94 8.07 -9.28
C ASN C 85 -2.12 7.89 -10.25
N GLU C 86 -2.38 6.66 -10.68
CA GLU C 86 -3.48 6.43 -11.63
C GLU C 86 -4.28 5.13 -11.43
N LEU C 87 -3.59 4.05 -11.09
CA LEU C 87 -4.23 2.74 -10.90
C LEU C 87 -4.58 2.51 -9.43
N ASN C 88 -5.87 2.29 -9.16
CA ASN C 88 -6.33 2.11 -7.79
C ASN C 88 -6.77 0.70 -7.39
N PHE C 89 -6.38 0.31 -6.17
CA PHE C 89 -6.77 -0.97 -5.59
C PHE C 89 -7.36 -0.72 -4.21
N ALA C 90 -8.57 -1.22 -3.98
CA ALA C 90 -9.22 -1.12 -2.68
C ALA C 90 -9.23 -2.60 -2.29
N LEU C 91 -8.47 -2.92 -1.24
CA LEU C 91 -8.31 -4.31 -0.81
C LEU C 91 -8.95 -4.65 0.53
N VAL C 92 -9.62 -5.79 0.57
CA VAL C 92 -10.28 -6.24 1.79
C VAL C 92 -9.96 -7.71 2.10
N GLY C 93 -9.73 -7.97 3.38
CA GLY C 93 -9.47 -9.30 3.86
C GLY C 93 -10.51 -9.51 4.94
N SER C 94 -10.93 -10.74 5.17
CA SER C 94 -11.94 -11.01 6.21
C SER C 94 -11.62 -12.28 6.95
N GLU C 95 -11.91 -12.30 8.25
CA GLU C 95 -11.66 -13.45 9.09
C GLU C 95 -12.96 -13.94 9.70
N ASP C 96 -13.32 -15.19 9.40
CA ASP C 96 -14.57 -15.75 9.92
C ASP C 96 -14.32 -16.68 11.09
N GLY C 97 -13.05 -16.88 11.44
CA GLY C 97 -12.71 -17.76 12.54
C GLY C 97 -11.71 -17.17 13.52
N THR C 98 -10.77 -17.99 13.98
CA THR C 98 -9.79 -17.55 14.95
C THR C 98 -8.33 -17.68 14.52
N ASP C 99 -8.07 -18.36 13.40
CA ASP C 99 -6.69 -18.53 12.95
C ASP C 99 -6.09 -17.25 12.37
N ASN C 100 -6.92 -16.22 12.25
CA ASN C 100 -6.49 -14.93 11.73
C ASN C 100 -5.65 -14.95 10.47
N ASP C 101 -6.09 -15.66 9.43
CA ASP C 101 -5.33 -15.66 8.20
C ASP C 101 -5.96 -14.58 7.31
N TYR C 102 -7.15 -14.13 7.68
CA TYR C 102 -7.86 -13.07 6.97
C TYR C 102 -8.02 -13.22 5.46
N ASN C 103 -8.13 -14.46 4.99
CA ASN C 103 -8.30 -14.74 3.55
C ASN C 103 -9.59 -15.49 3.28
N ASP C 104 -10.36 -15.77 4.34
CA ASP C 104 -11.61 -16.53 4.22
C ASP C 104 -12.44 -15.98 3.06
N ALA C 105 -12.41 -14.66 2.92
CA ALA C 105 -13.10 -13.98 1.84
C ALA C 105 -12.18 -12.80 1.53
N VAL C 106 -11.64 -12.78 0.32
CA VAL C 106 -10.76 -11.70 -0.11
C VAL C 106 -11.45 -10.93 -1.21
N VAL C 107 -11.55 -9.62 -1.05
CA VAL C 107 -12.21 -8.80 -2.05
C VAL C 107 -11.27 -7.76 -2.65
N VAL C 108 -11.23 -7.73 -3.98
CA VAL C 108 -10.39 -6.79 -4.69
C VAL C 108 -11.21 -5.85 -5.55
N ILE C 109 -11.11 -4.56 -5.25
CA ILE C 109 -11.81 -3.54 -6.03
C ILE C 109 -10.75 -2.77 -6.81
N ASN C 110 -10.98 -2.56 -8.11
CA ASN C 110 -10.02 -1.81 -8.90
C ASN C 110 -10.69 -0.83 -9.85
N TRP C 111 -10.01 0.29 -10.10
CA TRP C 111 -10.50 1.32 -10.99
C TRP C 111 -9.32 2.22 -11.32
N PRO C 112 -9.38 2.98 -12.43
CA PRO C 112 -10.49 3.06 -13.39
C PRO C 112 -10.45 1.86 -14.33
N LEU C 113 -11.54 1.66 -15.08
CA LEU C 113 -11.62 0.56 -16.02
C LEU C 113 -11.50 1.11 -17.44
N GLY C 114 -11.50 0.21 -18.43
CA GLY C 114 -11.41 0.62 -19.81
C GLY C 114 -10.06 1.13 -20.28
N ALA D 1 12.89 1.85 -11.90
CA ALA D 1 13.22 0.65 -11.08
C ALA D 1 12.51 -0.58 -11.62
N THR D 2 12.98 -1.76 -11.21
CA THR D 2 12.39 -3.01 -11.65
C THR D 2 10.97 -3.11 -11.09
N GLN D 3 10.05 -3.58 -11.92
CA GLN D 3 8.65 -3.72 -11.52
C GLN D 3 8.13 -5.09 -11.93
N GLY D 4 7.18 -5.62 -11.16
CA GLY D 4 6.60 -6.91 -11.50
C GLY D 4 7.33 -8.14 -10.98
N VAL D 5 8.35 -7.93 -10.15
CA VAL D 5 9.10 -9.04 -9.58
C VAL D 5 8.80 -9.09 -8.08
N PHE D 6 8.43 -10.26 -7.58
CA PHE D 6 8.07 -10.40 -6.17
C PHE D 6 8.72 -11.61 -5.51
N THR D 7 9.22 -11.41 -4.29
CA THR D 7 9.83 -12.51 -3.55
C THR D 7 8.82 -13.02 -2.54
N LEU D 8 8.24 -14.18 -2.82
CA LEU D 8 7.28 -14.80 -1.90
C LEU D 8 7.99 -15.87 -1.10
N PRO D 9 7.43 -16.24 0.07
CA PRO D 9 8.07 -17.28 0.86
C PRO D 9 8.11 -18.52 -0.02
N ALA D 10 9.15 -19.33 0.12
CA ALA D 10 9.30 -20.53 -0.69
C ALA D 10 8.16 -21.54 -0.52
N ASN D 11 8.03 -22.40 -1.52
CA ASN D 11 7.03 -23.47 -1.54
C ASN D 11 5.67 -23.07 -0.97
N THR D 12 5.15 -21.93 -1.39
CA THR D 12 3.86 -21.45 -0.90
C THR D 12 2.85 -21.30 -2.05
N ARG D 13 1.63 -21.81 -1.84
CA ARG D 13 0.54 -21.68 -2.82
C ARG D 13 0.07 -20.22 -2.81
N PHE D 14 -0.14 -19.64 -3.98
CA PHE D 14 -0.62 -18.28 -4.07
C PHE D 14 -1.57 -18.17 -5.24
N GLY D 15 -2.43 -17.16 -5.20
CA GLY D 15 -3.37 -16.96 -6.29
C GLY D 15 -2.85 -15.85 -7.18
N VAL D 16 -3.14 -15.96 -8.47
CA VAL D 16 -2.73 -14.95 -9.43
C VAL D 16 -3.95 -14.70 -10.31
N THR D 17 -4.32 -13.43 -10.45
CA THR D 17 -5.50 -13.06 -11.22
C THR D 17 -5.24 -11.86 -12.12
N ALA D 18 -5.65 -11.94 -13.38
CA ALA D 18 -5.46 -10.86 -14.35
C ALA D 18 -6.78 -10.32 -14.91
N PHE D 19 -6.82 -9.00 -15.08
CA PHE D 19 -8.00 -8.31 -15.60
C PHE D 19 -7.56 -7.55 -16.85
N ALA D 20 -8.47 -7.39 -17.81
CA ALA D 20 -8.13 -6.67 -19.03
C ALA D 20 -8.98 -5.40 -19.15
N ASN D 21 -8.33 -4.33 -19.59
CA ASN D 21 -9.01 -3.04 -19.78
C ASN D 21 -8.29 -2.31 -20.91
N SER D 22 -8.37 -2.86 -22.11
CA SER D 22 -7.69 -2.25 -23.25
C SER D 22 -8.29 -2.72 -24.58
N SER D 23 -8.03 -1.96 -25.63
CA SER D 23 -8.54 -2.31 -26.95
C SER D 23 -7.71 -3.47 -27.50
N GLY D 24 -6.47 -3.58 -27.04
CA GLY D 24 -5.60 -4.63 -27.52
C GLY D 24 -5.61 -5.90 -26.67
N THR D 25 -5.29 -7.02 -27.32
CA THR D 25 -5.25 -8.32 -26.66
C THR D 25 -4.05 -8.36 -25.72
N GLN D 26 -4.34 -8.64 -24.45
CA GLN D 26 -3.30 -8.69 -23.44
C GLN D 26 -2.76 -10.10 -23.28
N THR D 27 -1.44 -10.20 -23.14
CA THR D 27 -0.78 -11.47 -22.94
C THR D 27 -0.10 -11.38 -21.58
N VAL D 28 -0.66 -12.05 -20.58
CA VAL D 28 -0.08 -12.02 -19.25
C VAL D 28 0.64 -13.33 -19.01
N ASN D 29 1.95 -13.23 -18.80
CA ASN D 29 2.76 -14.42 -18.55
C ASN D 29 3.23 -14.38 -17.10
N VAL D 30 3.03 -15.49 -16.40
CA VAL D 30 3.43 -15.61 -15.01
C VAL D 30 4.60 -16.55 -14.86
N LEU D 31 5.74 -16.00 -14.44
CA LEU D 31 6.94 -16.80 -14.27
C LEU D 31 7.20 -17.14 -12.82
N VAL D 32 7.58 -18.37 -12.57
CA VAL D 32 7.92 -18.84 -11.23
C VAL D 32 9.26 -19.52 -11.42
N ASN D 33 10.26 -19.13 -10.63
CA ASN D 33 11.58 -19.73 -10.74
C ASN D 33 12.07 -19.54 -12.15
N ASN D 34 11.64 -18.43 -12.72
CA ASN D 34 12.00 -18.04 -14.05
C ASN D 34 11.48 -18.99 -15.14
N GLU D 35 10.44 -19.72 -14.83
CA GLU D 35 9.83 -20.63 -15.80
C GLU D 35 8.38 -20.23 -15.94
N THR D 36 7.85 -20.27 -17.17
CA THR D 36 6.46 -19.91 -17.40
C THR D 36 5.56 -20.91 -16.68
N ALA D 37 4.76 -20.41 -15.73
CA ALA D 37 3.86 -21.25 -14.95
C ALA D 37 2.42 -21.10 -15.43
N ALA D 38 2.12 -19.97 -16.05
CA ALA D 38 0.77 -19.73 -16.55
C ALA D 38 0.77 -18.61 -17.59
N THR D 39 -0.21 -18.64 -18.50
CA THR D 39 -0.31 -17.61 -19.51
C THR D 39 -1.78 -17.32 -19.81
N PHE D 40 -2.16 -16.05 -19.73
CA PHE D 40 -3.53 -15.64 -20.01
C PHE D 40 -3.49 -14.69 -21.19
N SER D 41 -4.43 -14.83 -22.10
CA SER D 41 -4.52 -13.96 -23.27
C SER D 41 -5.99 -13.60 -23.47
N GLY D 42 -6.29 -12.31 -23.49
CA GLY D 42 -7.68 -11.90 -23.66
C GLY D 42 -7.85 -10.43 -23.95
N GLN D 43 -9.01 -10.06 -24.48
CA GLN D 43 -9.30 -8.68 -24.81
C GLN D 43 -10.60 -8.25 -24.14
N SER D 44 -10.58 -7.08 -23.52
CA SER D 44 -11.76 -6.56 -22.84
C SER D 44 -11.49 -5.14 -22.38
N THR D 45 -12.54 -4.32 -22.33
CA THR D 45 -12.40 -2.95 -21.85
C THR D 45 -13.29 -2.83 -20.62
N ASN D 46 -13.81 -3.97 -20.17
CA ASN D 46 -14.69 -4.01 -19.01
C ASN D 46 -14.21 -4.88 -17.85
N ASN D 47 -12.90 -4.96 -17.66
CA ASN D 47 -12.31 -5.69 -16.54
C ASN D 47 -12.58 -7.19 -16.46
N ALA D 48 -12.68 -7.86 -17.60
CA ALA D 48 -12.93 -9.30 -17.58
C ALA D 48 -11.73 -10.03 -16.98
N VAL D 49 -11.98 -11.09 -16.23
CA VAL D 49 -10.92 -11.88 -15.63
C VAL D 49 -10.39 -12.83 -16.70
N ILE D 50 -9.33 -12.43 -17.39
CA ILE D 50 -8.78 -13.27 -18.44
C ILE D 50 -7.97 -14.44 -17.90
N GLY D 51 -7.93 -14.58 -16.59
CA GLY D 51 -7.20 -15.68 -16.01
C GLY D 51 -7.02 -15.59 -14.51
N THR D 52 -7.09 -16.73 -13.84
CA THR D 52 -6.88 -16.81 -12.41
C THR D 52 -6.52 -18.25 -12.07
N GLN D 53 -5.39 -18.43 -11.40
CA GLN D 53 -4.95 -19.77 -11.02
C GLN D 53 -4.24 -19.75 -9.67
N VAL D 54 -4.04 -20.94 -9.12
CA VAL D 54 -3.33 -21.08 -7.87
C VAL D 54 -2.02 -21.78 -8.26
N LEU D 55 -0.91 -21.10 -8.01
CA LEU D 55 0.39 -21.66 -8.34
C LEU D 55 1.18 -21.81 -7.05
N ASN D 56 2.31 -22.51 -7.12
CA ASN D 56 3.15 -22.71 -5.96
C ASN D 56 4.44 -21.93 -6.18
N SER D 57 4.84 -21.14 -5.19
CA SER D 57 6.04 -20.32 -5.30
C SER D 57 7.31 -21.12 -5.55
N GLY D 58 7.25 -22.43 -5.35
CA GLY D 58 8.43 -23.26 -5.59
C GLY D 58 9.56 -23.03 -4.61
N SER D 59 10.66 -23.73 -4.81
CA SER D 59 11.82 -23.62 -3.94
C SER D 59 12.46 -22.23 -3.94
N SER D 60 12.44 -21.56 -5.09
CA SER D 60 13.03 -20.23 -5.21
C SER D 60 12.15 -19.16 -4.57
N GLY D 61 10.85 -19.24 -4.78
CA GLY D 61 9.94 -18.25 -4.23
C GLY D 61 9.86 -16.99 -5.07
N LYS D 62 10.54 -16.98 -6.21
CA LYS D 62 10.54 -15.83 -7.10
C LYS D 62 9.41 -15.87 -8.13
N VAL D 63 8.54 -14.87 -8.04
CA VAL D 63 7.41 -14.75 -8.97
C VAL D 63 7.54 -13.48 -9.80
N GLN D 64 7.40 -13.63 -11.11
CA GLN D 64 7.48 -12.48 -12.00
C GLN D 64 6.30 -12.43 -12.97
N VAL D 65 5.75 -11.24 -13.13
CA VAL D 65 4.63 -11.03 -14.03
C VAL D 65 5.10 -10.23 -15.24
N GLN D 66 4.81 -10.73 -16.43
CA GLN D 66 5.19 -10.07 -17.67
C GLN D 66 3.93 -9.86 -18.49
N VAL D 67 3.82 -8.68 -19.11
CA VAL D 67 2.67 -8.37 -19.92
C VAL D 67 3.14 -7.81 -21.25
N SER D 68 2.57 -8.33 -22.33
CA SER D 68 2.93 -7.88 -23.66
C SER D 68 1.68 -7.87 -24.52
N VAL D 69 1.66 -7.01 -25.53
CA VAL D 69 0.54 -6.91 -26.43
C VAL D 69 1.08 -7.22 -27.82
N ASN D 70 0.73 -8.41 -28.32
CA ASN D 70 1.18 -8.85 -29.64
C ASN D 70 2.71 -8.82 -29.73
N GLY D 71 3.36 -9.44 -28.76
CA GLY D 71 4.82 -9.51 -28.76
C GLY D 71 5.55 -8.30 -28.19
N ARG D 72 4.84 -7.19 -28.00
CA ARG D 72 5.45 -5.98 -27.47
C ARG D 72 5.23 -5.84 -25.96
N PRO D 73 6.32 -5.85 -25.19
CA PRO D 73 6.28 -5.73 -23.73
C PRO D 73 5.65 -4.42 -23.25
N SER D 74 4.73 -4.53 -22.30
CA SER D 74 4.07 -3.35 -21.73
C SER D 74 4.91 -2.86 -20.56
N ASP D 75 4.77 -1.58 -20.24
CA ASP D 75 5.51 -1.02 -19.12
C ASP D 75 4.74 -1.38 -17.85
N LEU D 76 5.45 -1.86 -16.84
CA LEU D 76 4.81 -2.29 -15.60
C LEU D 76 5.00 -1.37 -14.40
N VAL D 77 4.01 -1.41 -13.51
CA VAL D 77 4.03 -0.66 -12.26
C VAL D 77 3.62 -1.71 -11.23
N SER D 78 4.21 -1.68 -10.04
CA SER D 78 3.88 -2.68 -9.04
C SER D 78 4.26 -2.31 -7.62
N ALA D 79 3.76 -3.11 -6.69
CA ALA D 79 4.02 -2.93 -5.26
C ALA D 79 3.40 -4.09 -4.51
N GLN D 80 3.81 -4.26 -3.26
CA GLN D 80 3.27 -5.32 -2.41
C GLN D 80 2.78 -4.65 -1.14
N VAL D 81 1.59 -5.04 -0.69
CA VAL D 81 1.05 -4.49 0.54
C VAL D 81 0.72 -5.64 1.47
N ILE D 82 0.91 -5.44 2.77
CA ILE D 82 0.63 -6.48 3.76
C ILE D 82 -0.32 -5.92 4.80
N LEU D 83 -1.42 -6.63 5.05
CA LEU D 83 -2.38 -6.17 6.02
C LEU D 83 -2.33 -7.01 7.30
N THR D 84 -2.54 -6.34 8.43
CA THR D 84 -2.49 -6.97 9.74
C THR D 84 -1.30 -7.94 9.82
N ASN D 85 -0.19 -7.54 9.19
CA ASN D 85 1.06 -8.30 9.17
C ASN D 85 0.91 -9.76 8.73
N GLU D 86 -0.15 -10.07 7.99
CA GLU D 86 -0.38 -11.45 7.58
C GLU D 86 -0.92 -11.67 6.16
N LEU D 87 -1.81 -10.79 5.70
CA LEU D 87 -2.43 -10.91 4.38
C LEU D 87 -1.63 -10.12 3.32
N ASN D 88 -1.07 -10.84 2.35
CA ASN D 88 -0.26 -10.22 1.31
C ASN D 88 -0.91 -10.05 -0.06
N PHE D 89 -0.63 -8.92 -0.69
CA PHE D 89 -1.13 -8.60 -2.02
C PHE D 89 0.03 -8.07 -2.85
N ALA D 90 0.29 -8.71 -3.98
CA ALA D 90 1.35 -8.25 -4.90
C ALA D 90 0.54 -7.66 -6.05
N LEU D 91 0.70 -6.37 -6.29
CA LEU D 91 -0.05 -5.66 -7.31
C LEU D 91 0.73 -5.26 -8.56
N VAL D 92 0.11 -5.47 -9.72
CA VAL D 92 0.75 -5.11 -10.97
C VAL D 92 -0.20 -4.39 -11.90
N GLY D 93 0.31 -3.33 -12.54
CA GLY D 93 -0.47 -2.57 -13.50
C GLY D 93 0.38 -2.57 -14.75
N SER D 94 -0.22 -2.33 -15.91
CA SER D 94 0.54 -2.30 -17.16
C SER D 94 -0.06 -1.33 -18.16
N GLU D 95 0.82 -0.70 -18.95
CA GLU D 95 0.40 0.26 -19.95
C GLU D 95 0.93 -0.15 -21.32
N ASP D 96 0.02 -0.31 -22.29
CA ASP D 96 0.42 -0.71 -23.63
C ASP D 96 0.36 0.42 -24.63
N GLY D 97 -0.10 1.59 -24.21
CA GLY D 97 -0.21 2.70 -25.13
C GLY D 97 0.30 4.05 -24.66
N THR D 98 -0.48 5.08 -24.94
CA THR D 98 -0.11 6.45 -24.60
C THR D 98 -1.00 7.17 -23.58
N ASP D 99 -2.03 6.52 -23.07
CA ASP D 99 -2.90 7.22 -22.12
C ASP D 99 -2.45 7.10 -20.66
N ASN D 100 -1.49 6.24 -20.40
CA ASN D 100 -0.96 6.05 -19.05
C ASN D 100 -1.98 5.69 -17.96
N ASP D 101 -3.00 4.91 -18.30
CA ASP D 101 -3.95 4.53 -17.26
C ASP D 101 -3.45 3.29 -16.50
N TYR D 102 -2.45 2.62 -17.06
CA TYR D 102 -1.85 1.44 -16.46
C TYR D 102 -2.82 0.37 -15.97
N ASN D 103 -3.96 0.26 -16.64
CA ASN D 103 -4.96 -0.75 -16.25
C ASN D 103 -5.17 -1.73 -17.41
N ASP D 104 -4.49 -1.47 -18.53
CA ASP D 104 -4.63 -2.30 -19.73
C ASP D 104 -4.65 -3.79 -19.38
N ALA D 105 -3.82 -4.16 -18.40
CA ALA D 105 -3.76 -5.51 -17.89
C ALA D 105 -3.41 -5.33 -16.42
N VAL D 106 -4.34 -5.70 -15.54
CA VAL D 106 -4.14 -5.58 -14.10
C VAL D 106 -3.98 -6.99 -13.53
N VAL D 107 -2.96 -7.19 -12.70
CA VAL D 107 -2.73 -8.49 -12.11
C VAL D 107 -2.59 -8.37 -10.59
N VAL D 108 -3.25 -9.29 -9.88
CA VAL D 108 -3.21 -9.30 -8.43
C VAL D 108 -2.78 -10.68 -7.93
N ILE D 109 -1.81 -10.69 -7.03
CA ILE D 109 -1.33 -11.93 -6.45
C ILE D 109 -1.63 -11.88 -4.96
N ASN D 110 -2.27 -12.92 -4.44
CA ASN D 110 -2.61 -12.95 -3.02
C ASN D 110 -2.23 -14.25 -2.33
N TRP D 111 -1.84 -14.13 -1.07
CA TRP D 111 -1.48 -15.28 -0.26
C TRP D 111 -1.42 -14.81 1.18
N PRO D 112 -1.50 -15.73 2.14
CA PRO D 112 -1.60 -17.18 1.97
C PRO D 112 -3.02 -17.59 1.55
N LEU D 113 -3.14 -18.84 1.10
CA LEU D 113 -4.42 -19.38 0.69
C LEU D 113 -4.90 -20.40 1.72
N GLY D 114 -6.07 -21.00 1.46
CA GLY D 114 -6.60 -22.00 2.37
C GLY D 114 -7.03 -21.47 3.73
CA CA E . -7.89 12.58 16.23
CA CA F . -5.55 15.10 14.91
S SO4 G . -7.79 17.11 19.12
O1 SO4 G . -6.48 17.69 18.75
O2 SO4 G . -8.81 18.19 19.10
O3 SO4 G . -7.70 16.54 20.47
O4 SO4 G . -8.16 16.06 18.16
CA CA H . 21.68 3.19 -3.13
CA CA I . 21.75 3.69 0.67
CA CA J . -9.53 -17.68 8.82
CA CA K . -8.71 -19.35 5.46
CA CA L . -3.47 2.33 -21.48
CA CA M . -6.87 0.97 -20.58
#